data_5V7M
#
_entry.id   5V7M
#
_cell.length_a   81.720
_cell.length_b   81.720
_cell.length_c   88.991
_cell.angle_alpha   90.00
_cell.angle_beta   90.00
_cell.angle_gamma   120.00
#
_symmetry.space_group_name_H-M   'H 3'
#
loop_
_entity.id
_entity.type
_entity.pdbx_description
1 polymer 'Proliferating cell nuclear antigen'
2 non-polymer 'MAGNESIUM ION'
3 water water
#
_entity_poly.entity_id   1
_entity_poly.type   'polypeptide(L)'
_entity_poly.pdbx_seq_one_letter_code
;MHHHHHHMLEAKFEEASLFKRIIDGFKDCVQLVNFQCKEDGIIAQAVDDSRVLLVSLEIGVEAFQEYRCDHPVTLGMDLT
SLSKILRCGNNTDTLTLIADNTPDSIILLFEDTKKDRIAEYSLKLMDIDADFAKAEELQYDSTLSLPSSEFSKIVRDLSQ
LSDSINIMITKETIKFVADGDIGSGSVIIKPFVDMEHPETSIKLEMDQPVDLTFGAKYLLDIIKGSSLSDRVGIRLSSEA
PALFQFDLKSGFLQFFLAPKFNDEE
;
_entity_poly.pdbx_strand_id   A
#
loop_
_chem_comp.id
_chem_comp.type
_chem_comp.name
_chem_comp.formula
MG non-polymer 'MAGNESIUM ION' 'Mg 2'
#
# COMPACT_ATOMS: atom_id res chain seq x y z
N HIS A 7 -3.16 26.83 9.64
CA HIS A 7 -4.31 25.87 9.79
C HIS A 7 -4.02 24.78 10.77
N MET A 8 -5.05 24.02 11.13
CA MET A 8 -4.85 22.95 12.09
C MET A 8 -3.93 21.87 11.53
N LEU A 9 -4.22 21.39 10.32
CA LEU A 9 -3.35 20.43 9.64
C LEU A 9 -2.64 21.12 8.49
N GLU A 10 -1.31 20.93 8.41
CA GLU A 10 -0.49 21.32 7.25
C GLU A 10 0.60 20.27 7.03
N ALA A 11 0.39 19.38 6.06
CA ALA A 11 1.21 18.20 5.81
C ALA A 11 1.80 18.39 4.42
N LYS A 12 3.10 18.75 4.35
CA LYS A 12 3.74 19.12 3.08
C LYS A 12 4.60 17.98 2.52
N PHE A 13 4.10 17.34 1.47
CA PHE A 13 4.93 16.44 0.65
C PHE A 13 5.85 17.31 -0.22
N GLU A 14 7.15 17.01 -0.20
CA GLU A 14 8.05 17.74 -1.10
C GLU A 14 7.88 17.28 -2.56
N GLU A 15 7.39 16.06 -2.79
CA GLU A 15 7.05 15.57 -4.14
C GLU A 15 5.59 15.17 -4.17
N ALA A 16 4.76 15.95 -4.87
CA ALA A 16 3.38 15.56 -5.06
C ALA A 16 3.26 14.14 -5.63
N SER A 17 4.21 13.74 -6.47
CA SER A 17 4.16 12.38 -7.01
C SER A 17 4.17 11.31 -5.91
N LEU A 18 4.73 11.62 -4.75
CA LEU A 18 4.70 10.64 -3.65
C LEU A 18 3.27 10.33 -3.24
N PHE A 19 2.45 11.38 -2.99
CA PHE A 19 1.05 11.17 -2.64
C PHE A 19 0.26 10.53 -3.78
N LYS A 20 0.61 10.85 -5.04
CA LYS A 20 -0.06 10.22 -6.17
C LYS A 20 0.21 8.73 -6.20
N ARG A 21 1.47 8.34 -6.01
CA ARG A 21 1.84 6.92 -5.95
C ARG A 21 1.17 6.20 -4.75
N ILE A 22 1.05 6.89 -3.60
CA ILE A 22 0.29 6.32 -2.48
C ILE A 22 -1.13 5.98 -2.89
N ILE A 23 -1.84 6.97 -3.44
CA ILE A 23 -3.25 6.75 -3.82
C ILE A 23 -3.36 5.71 -4.92
N ASP A 24 -2.39 5.64 -5.85
CA ASP A 24 -2.40 4.58 -6.86
C ASP A 24 -2.34 3.19 -6.24
N GLY A 25 -1.72 3.06 -5.07
CA GLY A 25 -1.76 1.81 -4.30
C GLY A 25 -3.14 1.40 -3.85
N PHE A 26 -4.10 2.31 -3.79
CA PHE A 26 -5.44 2.07 -3.26
C PHE A 26 -6.52 2.06 -4.31
N LYS A 27 -6.45 3.01 -5.25
CA LYS A 27 -7.65 3.51 -5.89
C LYS A 27 -8.36 2.47 -6.75
N ASP A 28 -7.67 1.42 -7.21
CA ASP A 28 -8.31 0.48 -8.11
C ASP A 28 -9.11 -0.59 -7.39
N CYS A 29 -9.05 -0.62 -6.05
CA CYS A 29 -9.79 -1.61 -5.28
C CYS A 29 -10.57 -1.00 -4.13
N VAL A 30 -10.54 0.32 -3.98
CA VAL A 30 -11.20 1.00 -2.87
C VAL A 30 -11.86 2.27 -3.40
N GLN A 31 -13.10 2.52 -2.98
CA GLN A 31 -13.83 3.71 -3.39
C GLN A 31 -13.61 4.85 -2.40
N LEU A 32 -13.81 4.59 -1.12
CA LEU A 32 -13.81 5.60 -0.07
C LEU A 32 -12.73 5.29 0.95
N VAL A 33 -12.02 6.32 1.40
CA VAL A 33 -10.92 6.14 2.34
C VAL A 33 -10.95 7.26 3.36
N ASN A 34 -10.87 6.91 4.63
CA ASN A 34 -10.75 7.89 5.69
C ASN A 34 -9.28 8.04 6.07
N PHE A 35 -8.80 9.28 5.97
CA PHE A 35 -7.45 9.64 6.41
C PHE A 35 -7.54 10.26 7.78
N GLN A 36 -6.97 9.58 8.77
CA GLN A 36 -6.86 10.11 10.13
C GLN A 36 -5.49 10.77 10.30
N CYS A 37 -5.50 12.08 10.52
CA CYS A 37 -4.27 12.86 10.66
C CYS A 37 -4.04 13.18 12.14
N LYS A 38 -2.81 12.90 12.59
CA LYS A 38 -2.44 12.93 14.00
C LYS A 38 -1.10 13.64 14.13
N GLU A 39 -0.68 13.86 15.37
CA GLU A 39 0.60 14.51 15.66
C GLU A 39 1.77 13.75 15.04
N ASP A 40 1.70 12.42 14.98
CA ASP A 40 2.80 11.63 14.46
C ASP A 40 2.62 11.25 12.98
N GLY A 41 1.69 11.86 12.27
CA GLY A 41 1.52 11.51 10.87
C GLY A 41 0.12 11.03 10.55
N ILE A 42 -0.02 10.34 9.42
CA ILE A 42 -1.31 10.05 8.79
C ILE A 42 -1.48 8.53 8.72
N ILE A 43 -2.67 8.05 9.09
CA ILE A 43 -3.10 6.67 8.86
C ILE A 43 -4.38 6.71 8.02
N ALA A 44 -4.40 5.93 6.95
CA ALA A 44 -5.60 5.74 6.17
C ALA A 44 -5.94 4.26 6.18
N GLN A 45 -7.23 3.96 6.13
CA GLN A 45 -7.68 2.58 6.09
C GLN A 45 -8.95 2.52 5.28
N ALA A 46 -9.13 1.38 4.64
CA ALA A 46 -10.24 1.13 3.75
C ALA A 46 -10.27 -0.36 3.48
N VAL A 47 -11.46 -0.85 3.19
CA VAL A 47 -11.67 -2.22 2.75
C VAL A 47 -12.06 -2.14 1.29
N ASP A 48 -11.78 -3.21 0.54
CA ASP A 48 -12.16 -3.19 -0.86
C ASP A 48 -13.66 -3.45 -1.00
N ASP A 49 -14.17 -3.26 -2.22
CA ASP A 49 -15.61 -3.30 -2.44
C ASP A 49 -16.18 -4.64 -2.03
N SER A 50 -15.38 -5.70 -2.11
CA SER A 50 -15.85 -7.03 -1.77
C SER A 50 -15.77 -7.33 -0.27
N ARG A 51 -15.17 -6.42 0.50
CA ARG A 51 -15.03 -6.55 1.95
C ARG A 51 -14.12 -7.71 2.35
N VAL A 52 -13.00 -7.96 1.60
CA VAL A 52 -12.10 -9.09 1.87
C VAL A 52 -10.67 -8.61 2.14
N LEU A 53 -10.28 -7.51 1.47
CA LEU A 53 -8.96 -6.88 1.54
C LEU A 53 -9.01 -5.63 2.41
N LEU A 54 -8.16 -5.58 3.42
CA LEU A 54 -7.98 -4.41 4.25
C LEU A 54 -6.72 -3.72 3.79
N VAL A 55 -6.80 -2.43 3.53
CA VAL A 55 -5.67 -1.64 3.10
C VAL A 55 -5.39 -0.65 4.22
N SER A 56 -4.14 -0.59 4.67
CA SER A 56 -3.74 0.26 5.77
C SER A 56 -2.48 1.02 5.41
N LEU A 57 -2.56 2.33 5.46
CA LEU A 57 -1.44 3.22 5.15
C LEU A 57 -1.03 3.97 6.40
N GLU A 58 0.28 4.07 6.64
CA GLU A 58 0.80 4.93 7.69
C GLU A 58 1.94 5.76 7.11
N ILE A 59 1.87 7.09 7.26
CA ILE A 59 2.89 8.01 6.80
C ILE A 59 3.34 8.79 8.01
N GLY A 60 4.59 8.62 8.42
CA GLY A 60 5.05 9.32 9.58
C GLY A 60 5.51 10.73 9.27
N VAL A 61 5.73 11.51 10.34
CA VAL A 61 6.09 12.93 10.23
C VAL A 61 7.31 13.13 9.33
N GLU A 62 8.25 12.20 9.36
CA GLU A 62 9.51 12.42 8.68
C GLU A 62 9.42 12.22 7.18
N ALA A 63 8.32 11.63 6.70
CA ALA A 63 8.12 11.52 5.26
C ALA A 63 7.83 12.88 4.62
N PHE A 64 7.49 13.89 5.41
CA PHE A 64 7.11 15.21 4.94
C PHE A 64 8.24 16.24 5.08
N GLN A 65 8.27 17.20 4.15
CA GLN A 65 9.19 18.34 4.30
C GLN A 65 8.85 19.13 5.56
N GLU A 66 7.56 19.34 5.81
CA GLU A 66 7.08 20.02 7.00
C GLU A 66 5.75 19.36 7.37
N TYR A 67 5.53 19.12 8.67
CA TYR A 67 4.29 18.52 9.13
C TYR A 67 3.83 19.14 10.44
N ARG A 68 2.56 19.53 10.49
CA ARG A 68 1.93 20.03 11.70
C ARG A 68 0.49 19.54 11.74
N CYS A 69 0.10 18.98 12.90
CA CYS A 69 -1.28 18.55 13.14
C CYS A 69 -1.42 18.39 14.66
N ASP A 70 -1.81 19.47 15.33
CA ASP A 70 -1.93 19.44 16.78
C ASP A 70 -2.85 18.32 17.25
N HIS A 71 -4.01 18.18 16.62
CA HIS A 71 -5.01 17.23 17.08
C HIS A 71 -5.65 16.51 15.91
N PRO A 72 -6.31 15.37 16.17
CA PRO A 72 -6.80 14.54 15.09
C PRO A 72 -7.72 15.31 14.14
N VAL A 73 -7.66 14.94 12.88
CA VAL A 73 -8.49 15.42 11.79
C VAL A 73 -8.80 14.20 10.94
N THR A 74 -10.06 13.98 10.59
CA THR A 74 -10.46 12.85 9.77
C THR A 74 -10.95 13.36 8.42
N LEU A 75 -10.34 12.86 7.36
CA LEU A 75 -10.63 13.31 6.00
C LEU A 75 -11.19 12.11 5.24
N GLY A 76 -12.50 12.06 5.09
CA GLY A 76 -13.14 11.05 4.27
C GLY A 76 -13.12 11.49 2.83
N MET A 77 -12.42 10.77 1.98
CA MET A 77 -12.25 11.20 0.60
C MET A 77 -12.73 10.13 -0.37
N ASP A 78 -13.34 10.58 -1.44
CA ASP A 78 -13.63 9.72 -2.56
C ASP A 78 -12.36 9.64 -3.39
N LEU A 79 -11.89 8.42 -3.65
CA LEU A 79 -10.60 8.31 -4.32
C LEU A 79 -10.69 8.60 -5.81
N THR A 80 -11.85 8.39 -6.43
CA THR A 80 -11.95 8.76 -7.83
C THR A 80 -11.87 10.29 -7.97
N SER A 81 -12.49 11.01 -7.04
CA SER A 81 -12.36 12.48 -7.03
C SER A 81 -10.94 12.89 -6.68
N LEU A 82 -10.39 12.32 -5.60
CA LEU A 82 -9.05 12.71 -5.18
C LEU A 82 -8.03 12.46 -6.28
N SER A 83 -8.26 11.49 -7.17
CA SER A 83 -7.27 11.15 -8.19
C SER A 83 -7.47 11.89 -9.49
N LYS A 84 -8.65 12.47 -9.76
CA LYS A 84 -8.72 13.50 -10.79
C LYS A 84 -7.88 14.70 -10.39
N ILE A 85 -7.89 15.01 -9.10
CA ILE A 85 -7.15 16.17 -8.59
C ILE A 85 -5.70 15.80 -8.31
N LEU A 86 -5.40 14.55 -7.93
CA LEU A 86 -4.02 14.23 -7.58
C LEU A 86 -3.12 14.14 -8.81
N ARG A 87 -3.67 13.94 -10.00
CA ARG A 87 -2.89 14.12 -11.21
C ARG A 87 -2.85 15.61 -11.64
N CYS A 88 -3.07 16.55 -10.70
CA CYS A 88 -2.96 17.98 -10.98
C CYS A 88 -1.61 18.56 -10.59
N GLY A 89 -0.79 17.82 -9.86
CA GLY A 89 0.57 18.24 -9.63
C GLY A 89 1.34 18.15 -10.93
N ASN A 90 2.59 18.59 -10.89
CA ASN A 90 3.46 18.42 -12.04
C ASN A 90 4.41 17.25 -11.86
N ASN A 91 4.30 16.53 -10.73
CA ASN A 91 5.31 15.58 -10.30
C ASN A 91 6.38 16.37 -9.56
N THR A 92 6.93 17.41 -10.22
CA THR A 92 7.87 18.30 -9.57
C THR A 92 7.23 19.17 -8.49
N ASP A 93 5.91 19.36 -8.50
CA ASP A 93 5.27 20.19 -7.49
C ASP A 93 5.42 19.59 -6.10
N THR A 94 5.54 20.45 -5.10
CA THR A 94 5.20 20.06 -3.75
C THR A 94 3.68 20.02 -3.58
N LEU A 95 3.23 19.37 -2.52
CA LEU A 95 1.81 19.24 -2.23
C LEU A 95 1.62 19.33 -0.74
N THR A 96 0.84 20.30 -0.27
CA THR A 96 0.49 20.41 1.13
C THR A 96 -0.99 20.11 1.29
N LEU A 97 -1.30 19.21 2.19
CA LEU A 97 -2.67 18.95 2.55
C LEU A 97 -2.96 19.90 3.70
N ILE A 98 -4.06 20.64 3.62
CA ILE A 98 -4.40 21.67 4.60
C ILE A 98 -5.84 21.45 5.03
N ALA A 99 -6.10 21.49 6.32
CA ALA A 99 -7.49 21.38 6.77
C ALA A 99 -7.62 22.00 8.16
N ASP A 100 -8.86 22.29 8.54
CA ASP A 100 -9.16 22.81 9.87
C ASP A 100 -9.96 21.79 10.65
N ASN A 101 -10.47 22.21 11.80
CA ASN A 101 -11.11 21.26 12.70
C ASN A 101 -12.43 20.82 12.11
N THR A 102 -12.70 19.52 12.19
CA THR A 102 -13.94 18.94 11.70
C THR A 102 -14.24 19.50 10.31
N PRO A 103 -13.31 19.34 9.36
CA PRO A 103 -13.44 20.03 8.07
C PRO A 103 -14.52 19.40 7.22
N ASP A 104 -15.04 20.20 6.29
CA ASP A 104 -15.90 19.69 5.25
C ASP A 104 -15.22 19.58 3.91
N SER A 105 -14.05 20.22 3.76
CA SER A 105 -13.23 20.11 2.57
C SER A 105 -11.76 19.94 2.97
N ILE A 106 -11.00 19.35 2.07
CA ILE A 106 -9.55 19.29 2.22
C ILE A 106 -8.93 20.16 1.15
N ILE A 107 -7.94 20.95 1.53
CA ILE A 107 -7.26 21.82 0.58
C ILE A 107 -5.97 21.10 0.15
N LEU A 108 -5.77 21.00 -1.16
CA LEU A 108 -4.54 20.45 -1.73
C LEU A 108 -3.84 21.64 -2.36
N LEU A 109 -2.70 21.98 -1.82
CA LEU A 109 -1.94 23.12 -2.29
C LEU A 109 -0.68 22.65 -2.99
N PHE A 110 -0.66 22.78 -4.30
CA PHE A 110 0.49 22.44 -5.13
C PHE A 110 1.32 23.69 -5.36
N GLU A 111 2.62 23.59 -5.13
CA GLU A 111 3.54 24.70 -5.35
C GLU A 111 4.61 24.26 -6.34
N ASP A 112 4.87 25.14 -7.30
CA ASP A 112 5.81 24.84 -8.37
C ASP A 112 7.23 24.91 -7.83
N THR A 113 8.08 23.94 -8.19
CA THR A 113 9.47 23.96 -7.74
C THR A 113 10.41 24.52 -8.79
N LYS A 114 9.89 25.12 -9.85
CA LYS A 114 10.68 25.81 -10.87
C LYS A 114 10.41 27.31 -10.86
N LYS A 115 9.14 27.71 -10.80
CA LYS A 115 8.76 29.12 -10.88
C LYS A 115 7.85 29.53 -9.73
N ASP A 116 7.06 30.56 -9.99
CA ASP A 116 6.19 31.21 -9.04
C ASP A 116 4.76 30.88 -9.45
N ARG A 117 4.27 29.72 -8.99
CA ARG A 117 2.91 29.30 -9.29
C ARG A 117 2.41 28.46 -8.11
N ILE A 118 1.17 28.72 -7.72
CA ILE A 118 0.46 27.95 -6.72
C ILE A 118 -0.85 27.49 -7.32
N ALA A 119 -1.23 26.23 -7.06
CA ALA A 119 -2.54 25.73 -7.44
C ALA A 119 -3.22 25.20 -6.19
N GLU A 120 -4.28 25.89 -5.76
CA GLU A 120 -5.03 25.50 -4.57
C GLU A 120 -6.33 24.81 -4.99
N TYR A 121 -6.46 23.53 -4.64
CA TYR A 121 -7.69 22.78 -4.83
C TYR A 121 -8.37 22.58 -3.49
N SER A 122 -9.68 22.67 -3.50
CA SER A 122 -10.48 22.35 -2.33
C SER A 122 -11.37 21.20 -2.73
N LEU A 123 -11.23 20.08 -2.02
CA LEU A 123 -11.97 18.86 -2.32
C LEU A 123 -13.03 18.63 -1.25
N LYS A 124 -14.28 18.42 -1.67
CA LYS A 124 -15.34 18.14 -0.72
C LYS A 124 -15.12 16.80 -0.06
N LEU A 125 -15.22 16.76 1.26
CA LEU A 125 -15.05 15.52 1.99
C LEU A 125 -16.38 14.80 2.17
N MET A 126 -16.29 13.51 2.40
CA MET A 126 -17.42 12.67 2.73
C MET A 126 -17.31 12.20 4.18
N ASP A 127 -18.48 11.96 4.79
CA ASP A 127 -18.56 11.44 6.16
C ASP A 127 -18.47 9.93 6.12
N ILE A 128 -17.47 9.37 6.79
CA ILE A 128 -17.20 7.94 6.76
C ILE A 128 -17.02 7.46 8.19
N ASP A 129 -17.38 6.19 8.40
CA ASP A 129 -17.73 5.65 9.72
C ASP A 129 -16.93 6.31 10.88
N ALA A 130 -15.65 5.99 11.18
CA ALA A 130 -14.75 4.99 10.59
C ALA A 130 -13.79 4.50 11.66
N ASP A 131 -13.84 3.23 11.97
CA ASP A 131 -12.92 2.67 12.95
C ASP A 131 -11.88 1.83 12.24
N PHE A 132 -10.68 1.78 12.82
CA PHE A 132 -9.48 1.31 12.15
C PHE A 132 -8.92 0.08 12.85
N ALA A 133 -8.33 -0.83 12.05
CA ALA A 133 -7.72 -2.05 12.57
C ALA A 133 -6.20 -1.92 12.48
N LYS A 134 -5.51 -1.98 13.61
CA LYS A 134 -4.05 -2.16 13.55
C LYS A 134 -3.77 -3.66 13.63
N ALA A 135 -3.59 -4.30 12.48
CA ALA A 135 -3.85 -5.74 12.38
C ALA A 135 -2.61 -6.64 12.49
N GLU A 136 -1.40 -6.12 12.52
CA GLU A 136 -0.24 -7.01 12.39
C GLU A 136 0.02 -7.77 13.69
N GLU A 137 0.31 -9.07 13.53
CA GLU A 137 0.51 -10.00 14.64
C GLU A 137 1.89 -9.83 15.26
N LEU A 138 2.07 -10.42 16.43
CA LEU A 138 3.39 -10.38 17.07
C LEU A 138 4.39 -11.26 16.34
N GLN A 139 4.00 -12.48 15.94
CA GLN A 139 4.88 -13.39 15.21
C GLN A 139 4.07 -14.02 14.08
N TYR A 140 4.73 -14.27 12.94
CA TYR A 140 4.16 -14.99 11.79
C TYR A 140 4.93 -16.29 11.57
N ASP A 141 4.37 -17.21 10.77
CA ASP A 141 5.08 -18.47 10.50
C ASP A 141 6.28 -18.23 9.60
N SER A 142 6.15 -17.31 8.65
CA SER A 142 7.22 -17.07 7.67
C SER A 142 7.15 -15.63 7.24
N THR A 143 8.33 -15.05 7.09
CA THR A 143 8.53 -13.68 6.64
C THR A 143 9.53 -13.70 5.48
N LEU A 144 9.22 -12.94 4.46
CA LEU A 144 10.08 -12.89 3.29
C LEU A 144 9.96 -11.50 2.66
N SER A 145 10.93 -11.17 1.82
CA SER A 145 10.88 -9.93 1.08
C SER A 145 11.55 -10.18 -0.27
N LEU A 146 11.12 -9.44 -1.28
CA LEU A 146 11.62 -9.61 -2.64
C LEU A 146 11.32 -8.34 -3.40
N PRO A 147 11.91 -8.17 -4.58
CA PRO A 147 11.56 -7.02 -5.41
C PRO A 147 10.08 -7.03 -5.73
N SER A 148 9.44 -5.88 -5.57
CA SER A 148 8.03 -5.77 -5.91
C SER A 148 7.78 -5.97 -7.42
N SER A 149 8.75 -5.67 -8.27
CA SER A 149 8.52 -5.94 -9.68
C SER A 149 8.54 -7.42 -9.96
N GLU A 150 9.34 -8.19 -9.21
CA GLU A 150 9.34 -9.64 -9.34
C GLU A 150 8.04 -10.24 -8.83
N PHE A 151 7.59 -9.80 -7.65
CA PHE A 151 6.30 -10.20 -7.13
C PHE A 151 5.17 -9.86 -8.11
N SER A 152 5.20 -8.66 -8.70
CA SER A 152 4.13 -8.27 -9.63
C SER A 152 4.09 -9.21 -10.82
N LYS A 153 5.26 -9.50 -11.38
CA LYS A 153 5.33 -10.36 -12.57
C LYS A 153 4.82 -11.76 -12.25
N ILE A 154 5.26 -12.34 -11.13
CA ILE A 154 4.78 -13.67 -10.74
C ILE A 154 3.25 -13.66 -10.65
N VAL A 155 2.68 -12.63 -10.02
CA VAL A 155 1.24 -12.59 -9.81
C VAL A 155 0.52 -12.38 -11.13
N ARG A 156 1.00 -11.43 -11.93
CA ARG A 156 0.39 -11.19 -13.24
C ARG A 156 0.46 -12.45 -14.08
N ASP A 157 1.62 -13.12 -14.07
CA ASP A 157 1.80 -14.32 -14.89
C ASP A 157 0.84 -15.42 -14.47
N LEU A 158 0.84 -15.77 -13.17
CA LEU A 158 0.02 -16.89 -12.69
C LEU A 158 -1.46 -16.55 -12.68
N SER A 159 -1.82 -15.28 -12.51
CA SER A 159 -3.24 -14.96 -12.54
C SER A 159 -3.84 -15.16 -13.93
N GLN A 160 -3.01 -15.19 -14.98
CA GLN A 160 -3.50 -15.54 -16.31
C GLN A 160 -4.06 -16.95 -16.36
N LEU A 161 -3.59 -17.83 -15.45
CA LEU A 161 -3.93 -19.24 -15.43
C LEU A 161 -5.08 -19.57 -14.50
N SER A 162 -5.17 -18.87 -13.36
CA SER A 162 -6.06 -19.29 -12.28
C SER A 162 -6.42 -18.10 -11.41
N ASP A 163 -7.56 -18.22 -10.76
CA ASP A 163 -7.95 -17.26 -9.73
C ASP A 163 -7.42 -17.63 -8.35
N SER A 164 -6.72 -18.75 -8.22
CA SER A 164 -6.16 -19.22 -6.96
C SER A 164 -4.68 -19.38 -7.18
N ILE A 165 -3.88 -18.78 -6.31
CA ILE A 165 -2.44 -18.92 -6.32
C ILE A 165 -2.06 -19.47 -4.95
N ASN A 166 -1.47 -20.66 -4.94
CA ASN A 166 -0.96 -21.29 -3.74
C ASN A 166 0.49 -20.84 -3.46
N ILE A 167 0.73 -20.37 -2.23
CA ILE A 167 2.07 -20.00 -1.79
C ILE A 167 2.50 -21.09 -0.80
N MET A 168 3.65 -21.71 -1.07
CA MET A 168 4.22 -22.67 -0.14
C MET A 168 5.61 -22.22 0.30
N ILE A 169 5.83 -22.19 1.61
CA ILE A 169 7.16 -21.91 2.16
C ILE A 169 7.71 -23.19 2.78
N THR A 170 8.89 -23.61 2.33
CA THR A 170 9.66 -24.67 2.98
C THR A 170 11.09 -24.17 3.11
N LYS A 171 11.97 -24.98 3.70
CA LYS A 171 13.32 -24.53 4.01
C LYS A 171 13.99 -23.97 2.78
N GLU A 172 14.35 -22.70 2.87
CA GLU A 172 15.03 -22.00 1.80
C GLU A 172 14.31 -22.11 0.45
N THR A 173 12.98 -22.21 0.49
CA THR A 173 12.18 -22.34 -0.73
C THR A 173 10.85 -21.63 -0.64
N ILE A 174 10.59 -20.76 -1.61
CA ILE A 174 9.31 -20.06 -1.79
C ILE A 174 8.75 -20.47 -3.15
N LYS A 175 7.54 -21.03 -3.15
CA LYS A 175 6.94 -21.64 -4.32
C LYS A 175 5.52 -21.10 -4.50
N PHE A 176 5.26 -20.49 -5.66
CA PHE A 176 3.94 -20.05 -6.09
C PHE A 176 3.42 -20.99 -7.19
N VAL A 177 2.16 -21.41 -7.09
CA VAL A 177 1.62 -22.42 -8.00
C VAL A 177 0.20 -22.07 -8.38
N ALA A 178 -0.12 -22.26 -9.65
CA ALA A 178 -1.46 -22.09 -10.20
C ALA A 178 -1.70 -23.17 -11.24
N ASP A 179 -2.92 -23.71 -11.25
CA ASP A 179 -3.35 -24.73 -12.19
C ASP A 179 -4.55 -24.20 -12.96
N GLY A 180 -4.41 -24.10 -14.29
CA GLY A 180 -5.42 -23.50 -15.13
C GLY A 180 -5.87 -24.46 -16.22
N ASP A 181 -6.87 -24.01 -16.99
CA ASP A 181 -7.37 -24.87 -18.06
C ASP A 181 -6.37 -25.02 -19.20
N ILE A 182 -5.52 -24.00 -19.46
CA ILE A 182 -4.53 -24.14 -20.53
C ILE A 182 -3.24 -24.76 -20.02
N GLY A 183 -3.14 -25.03 -18.74
CA GLY A 183 -1.92 -25.53 -18.15
C GLY A 183 -1.67 -24.94 -16.77
N SER A 184 -0.46 -25.19 -16.27
CA SER A 184 -0.10 -24.90 -14.89
C SER A 184 1.19 -24.10 -14.83
N GLY A 185 1.37 -23.38 -13.74
CA GLY A 185 2.62 -22.66 -13.51
C GLY A 185 3.12 -22.87 -12.10
N SER A 186 4.43 -23.01 -11.97
CA SER A 186 5.07 -23.13 -10.67
C SER A 186 6.29 -22.25 -10.70
N VAL A 187 6.36 -21.27 -9.80
CA VAL A 187 7.52 -20.40 -9.67
C VAL A 187 8.18 -20.72 -8.34
N ILE A 188 9.48 -21.04 -8.39
CA ILE A 188 10.26 -21.31 -7.22
C ILE A 188 11.33 -20.24 -7.11
N ILE A 189 11.35 -19.55 -5.99
CA ILE A 189 12.38 -18.57 -5.70
C ILE A 189 13.08 -19.01 -4.42
N LYS A 190 14.38 -18.73 -4.38
CA LYS A 190 15.21 -19.12 -3.26
C LYS A 190 15.88 -17.88 -2.67
N PRO A 191 16.10 -17.87 -1.36
CA PRO A 191 16.74 -16.71 -0.74
C PRO A 191 18.08 -16.49 -1.40
N PHE A 192 18.35 -15.23 -1.73
CA PHE A 192 19.53 -14.88 -2.52
C PHE A 192 19.89 -13.44 -2.23
N VAL A 193 21.10 -13.22 -1.74
CA VAL A 193 21.63 -11.87 -1.59
C VAL A 193 22.44 -11.54 -2.82
N ASP A 194 22.05 -10.49 -3.53
CA ASP A 194 22.73 -10.07 -4.75
C ASP A 194 23.82 -9.08 -4.39
N MET A 195 25.06 -9.45 -4.70
CA MET A 195 26.20 -8.63 -4.30
C MET A 195 26.22 -7.30 -5.07
N GLU A 196 25.95 -7.32 -6.38
CA GLU A 196 26.06 -6.10 -7.21
C GLU A 196 24.87 -5.15 -7.01
N HIS A 197 23.66 -5.69 -6.84
CA HIS A 197 22.45 -4.88 -6.70
C HIS A 197 21.65 -5.42 -5.50
N PRO A 198 22.10 -5.12 -4.31
CA PRO A 198 21.44 -5.69 -3.11
C PRO A 198 19.94 -5.52 -3.12
N GLU A 199 19.44 -4.42 -3.68
CA GLU A 199 18.02 -4.16 -3.62
C GLU A 199 17.21 -5.28 -4.25
N THR A 200 17.82 -6.11 -5.12
CA THR A 200 17.09 -7.18 -5.76
C THR A 200 17.11 -8.48 -4.94
N SER A 201 17.65 -8.46 -3.72
CA SER A 201 17.80 -9.69 -2.93
C SER A 201 16.44 -10.30 -2.54
N ILE A 202 16.47 -11.59 -2.20
CA ILE A 202 15.30 -12.26 -1.65
C ILE A 202 15.67 -12.81 -0.27
N LYS A 203 14.86 -12.49 0.71
CA LYS A 203 15.12 -12.87 2.10
C LYS A 203 13.99 -13.75 2.54
N LEU A 204 14.30 -14.75 3.36
CA LEU A 204 13.26 -15.65 3.86
C LEU A 204 13.60 -15.98 5.30
N GLU A 205 12.63 -15.88 6.19
CA GLU A 205 12.77 -16.36 7.56
C GLU A 205 11.59 -17.27 7.80
N MET A 206 11.85 -18.57 7.97
CA MET A 206 10.80 -19.56 8.15
C MET A 206 10.84 -20.07 9.60
N ASP A 207 9.76 -19.86 10.33
CA ASP A 207 9.58 -20.40 11.66
C ASP A 207 8.85 -21.73 11.57
N GLN A 208 7.87 -21.85 10.69
CA GLN A 208 7.32 -23.15 10.34
C GLN A 208 6.87 -23.10 8.89
N PRO A 209 6.79 -24.26 8.22
CA PRO A 209 6.32 -24.27 6.82
C PRO A 209 4.91 -23.74 6.67
N VAL A 210 4.63 -23.19 5.49
CA VAL A 210 3.34 -22.58 5.17
C VAL A 210 2.84 -23.18 3.86
N ASP A 211 1.53 -23.40 3.78
CA ASP A 211 0.88 -23.89 2.58
C ASP A 211 -0.49 -23.20 2.56
N LEU A 212 -0.61 -22.10 1.82
CA LEU A 212 -1.79 -21.25 1.84
C LEU A 212 -2.18 -20.84 0.43
N THR A 213 -3.48 -20.78 0.16
CA THR A 213 -3.98 -20.38 -1.14
C THR A 213 -4.67 -19.02 -1.05
N PHE A 214 -4.40 -18.14 -2.03
CA PHE A 214 -4.95 -16.80 -2.05
C PHE A 214 -5.63 -16.49 -3.38
N GLY A 215 -6.63 -15.62 -3.32
CA GLY A 215 -7.33 -15.20 -4.52
C GLY A 215 -6.43 -14.33 -5.37
N ALA A 216 -6.22 -14.72 -6.63
CA ALA A 216 -5.35 -13.94 -7.50
C ALA A 216 -5.93 -12.57 -7.79
N LYS A 217 -7.25 -12.43 -7.86
CA LYS A 217 -7.84 -11.10 -8.08
C LYS A 217 -7.43 -10.12 -6.98
N TYR A 218 -7.32 -10.58 -5.74
CA TYR A 218 -6.83 -9.75 -4.64
C TYR A 218 -5.35 -9.50 -4.74
N LEU A 219 -4.56 -10.53 -5.07
CA LEU A 219 -3.13 -10.33 -5.29
C LEU A 219 -2.89 -9.28 -6.38
N LEU A 220 -3.72 -9.27 -7.42
CA LEU A 220 -3.59 -8.28 -8.48
C LEU A 220 -3.91 -6.87 -7.97
N ASP A 221 -4.75 -6.73 -6.94
CA ASP A 221 -4.88 -5.41 -6.33
C ASP A 221 -3.63 -5.05 -5.52
N ILE A 222 -3.10 -6.00 -4.76
CA ILE A 222 -2.00 -5.75 -3.83
C ILE A 222 -0.74 -5.27 -4.57
N ILE A 223 -0.44 -5.85 -5.73
CA ILE A 223 0.80 -5.54 -6.43
C ILE A 223 0.88 -4.09 -6.88
N LYS A 224 -0.25 -3.38 -6.95
CA LYS A 224 -0.20 -1.96 -7.28
C LYS A 224 0.50 -1.11 -6.21
N GLY A 225 0.76 -1.68 -5.03
CA GLY A 225 1.69 -1.09 -4.11
C GLY A 225 3.10 -0.93 -4.64
N SER A 226 3.40 -1.61 -5.75
CA SER A 226 4.67 -1.46 -6.46
C SER A 226 5.07 -0.02 -6.63
N SER A 227 4.09 0.87 -6.83
CA SER A 227 4.34 2.29 -7.06
C SER A 227 5.11 2.93 -5.91
N LEU A 228 5.00 2.39 -4.71
CA LEU A 228 5.55 3.03 -3.53
C LEU A 228 6.91 2.51 -3.14
N SER A 229 7.22 1.26 -3.49
CA SER A 229 8.42 0.62 -3.02
C SER A 229 8.88 -0.36 -4.07
N ASP A 230 10.19 -0.42 -4.24
CA ASP A 230 10.85 -1.43 -5.06
C ASP A 230 10.93 -2.78 -4.38
N ARG A 231 10.58 -2.87 -3.11
CA ARG A 231 10.56 -4.13 -2.40
C ARG A 231 9.21 -4.30 -1.71
N VAL A 232 8.85 -5.55 -1.50
CA VAL A 232 7.62 -5.94 -0.80
C VAL A 232 8.00 -6.98 0.25
N GLY A 233 7.55 -6.74 1.49
CA GLY A 233 7.60 -7.74 2.56
C GLY A 233 6.28 -8.50 2.67
N ILE A 234 6.39 -9.81 2.81
CA ILE A 234 5.23 -10.69 2.93
C ILE A 234 5.35 -11.48 4.24
N ARG A 235 4.29 -11.48 5.04
CA ARG A 235 4.26 -12.22 6.30
C ARG A 235 3.06 -13.15 6.24
N LEU A 236 3.32 -14.45 6.48
CA LEU A 236 2.34 -15.50 6.31
C LEU A 236 2.13 -16.26 7.62
N SER A 237 0.89 -16.68 7.85
CA SER A 237 0.50 -17.36 9.08
C SER A 237 -0.66 -18.31 8.80
N SER A 238 -0.55 -19.52 9.35
CA SER A 238 -1.67 -20.44 9.34
C SER A 238 -2.85 -19.89 10.15
N GLU A 239 -2.62 -18.95 11.06
CA GLU A 239 -3.66 -18.45 11.96
C GLU A 239 -4.28 -17.13 11.52
N ALA A 240 -3.48 -16.20 11.04
CA ALA A 240 -3.89 -14.82 10.82
C ALA A 240 -3.88 -14.51 9.33
N PRO A 241 -4.52 -13.41 8.91
CA PRO A 241 -4.38 -12.99 7.52
C PRO A 241 -2.92 -12.79 7.15
N ALA A 242 -2.63 -13.00 5.88
CA ALA A 242 -1.37 -12.63 5.29
C ALA A 242 -1.26 -11.10 5.23
N LEU A 243 -0.03 -10.62 5.40
CA LEU A 243 0.29 -9.20 5.38
C LEU A 243 1.27 -8.99 4.25
N PHE A 244 0.92 -8.06 3.34
CA PHE A 244 1.77 -7.64 2.23
C PHE A 244 2.13 -6.17 2.42
N GLN A 245 3.42 -5.86 2.49
CA GLN A 245 3.82 -4.57 2.98
C GLN A 245 4.81 -3.89 2.04
N PHE A 246 4.48 -2.66 1.66
CA PHE A 246 5.30 -1.83 0.78
C PHE A 246 5.77 -0.65 1.61
N ASP A 247 7.06 -0.58 1.86
CA ASP A 247 7.62 0.40 2.80
C ASP A 247 8.10 1.66 2.09
N LEU A 248 7.68 2.80 2.61
CA LEU A 248 8.13 4.12 2.20
C LEU A 248 9.24 4.59 3.15
N LYS A 249 9.79 5.76 2.85
CA LYS A 249 10.63 6.44 3.81
C LYS A 249 9.72 7.05 4.88
N SER A 250 9.76 6.47 6.09
CA SER A 250 8.89 6.87 7.19
C SER A 250 7.41 6.57 6.91
N GLY A 251 7.14 5.34 6.50
CA GLY A 251 5.75 4.87 6.44
C GLY A 251 5.66 3.53 5.71
N PHE A 252 4.42 3.12 5.46
CA PHE A 252 4.19 1.91 4.70
C PHE A 252 2.75 1.83 4.22
N LEU A 253 2.57 1.04 3.18
CA LEU A 253 1.25 0.61 2.76
C LEU A 253 1.14 -0.89 3.00
N GLN A 254 0.12 -1.30 3.75
CA GLN A 254 -0.09 -2.69 4.16
C GLN A 254 -1.38 -3.22 3.56
N PHE A 255 -1.36 -4.47 3.12
CA PHE A 255 -2.58 -5.17 2.72
C PHE A 255 -2.69 -6.44 3.56
N PHE A 256 -3.84 -6.62 4.19
CA PHE A 256 -4.18 -7.85 4.90
C PHE A 256 -5.20 -8.65 4.09
N LEU A 257 -4.96 -9.97 3.96
CA LEU A 257 -5.77 -10.85 3.11
C LEU A 257 -5.82 -12.25 3.71
N ALA A 258 -7.04 -12.74 4.00
CA ALA A 258 -7.17 -14.07 4.54
C ALA A 258 -6.91 -15.08 3.43
N PRO A 259 -6.29 -16.22 3.73
CA PRO A 259 -6.27 -17.30 2.76
C PRO A 259 -7.67 -17.72 2.34
N LYS A 260 -7.75 -18.23 1.11
CA LYS A 260 -9.00 -18.67 0.49
C LYS A 260 -9.69 -19.80 1.25
N PHE A 261 -8.92 -20.63 1.96
CA PHE A 261 -9.49 -21.80 2.64
C PHE A 261 -9.26 -21.85 4.16
MG MG B . 11.61 17.80 -6.94
#